data_4HFG
#
_entry.id   4HFG
#
_cell.length_a   48.083
_cell.length_b   48.492
_cell.length_c   112.347
_cell.angle_alpha   90.000
_cell.angle_beta   90.000
_cell.angle_gamma   90.000
#
_symmetry.space_group_name_H-M   'P 21 21 21'
#
loop_
_entity.id
_entity.type
_entity.pdbx_description
1 polymer 'Regulation of nuclear pre-mRNA domain-containing protein 1B'
2 non-polymer 'SULFATE ION'
3 non-polymer 'UNKNOWN ATOM OR ION'
4 water water
#
_entity_poly.entity_id   1
_entity_poly.type   'polypeptide(L)'
_entity_poly.pdbx_seq_one_letter_code
;GSSFSESALEKKLSELSNSQHSVQTLSLWLIHHRKHAGPIVSVWHRELRKAKSNRKLTFLYLANDVIQNSKRKGPEFTRE
FESVLVDAFSHVAREADEGCKKPLERLLNIWQERSVYGGEFIQQLKLSMEDSKSP
;
_entity_poly.pdbx_strand_id   A,B
#
loop_
_chem_comp.id
_chem_comp.type
_chem_comp.name
_chem_comp.formula
SO4 non-polymer 'SULFATE ION' 'O4 S -2'
UNX non-polymer 'UNKNOWN ATOM OR ION' ?
#
# COMPACT_ATOMS: atom_id res chain seq x y z
N SER A 3 -14.79 -7.43 -16.02
CA SER A 3 -14.18 -8.76 -16.32
C SER A 3 -12.66 -8.60 -16.31
N PHE A 4 -11.96 -9.68 -16.01
CA PHE A 4 -10.52 -9.71 -16.07
C PHE A 4 -10.07 -9.78 -17.53
N SER A 5 -8.96 -9.12 -17.86
CA SER A 5 -8.24 -9.45 -19.09
C SER A 5 -6.78 -9.12 -18.87
N GLU A 6 -5.93 -9.91 -19.51
CA GLU A 6 -4.49 -9.69 -19.41
C GLU A 6 -4.08 -8.32 -19.95
N SER A 7 -4.70 -7.85 -21.03
CA SER A 7 -4.37 -6.52 -21.57
C SER A 7 -4.80 -5.41 -20.61
N ALA A 8 -5.94 -5.57 -19.96
CA ALA A 8 -6.30 -4.63 -18.90
C ALA A 8 -5.29 -4.63 -17.76
N LEU A 9 -4.78 -5.83 -17.43
CA LEU A 9 -3.80 -5.92 -16.36
C LEU A 9 -2.53 -5.23 -16.79
N GLU A 10 -2.10 -5.47 -18.02
CA GLU A 10 -0.85 -4.86 -18.52
C GLU A 10 -0.97 -3.34 -18.48
N LYS A 11 -2.16 -2.83 -18.81
CA LYS A 11 -2.40 -1.40 -18.80
C LYS A 11 -2.27 -0.92 -17.37
N LYS A 12 -2.97 -1.57 -16.45
CA LYS A 12 -2.95 -1.14 -15.04
C LYS A 12 -1.56 -1.16 -14.45
N LEU A 13 -0.79 -2.21 -14.77
CA LEU A 13 0.56 -2.31 -14.27
C LEU A 13 1.45 -1.18 -14.80
N SER A 14 1.27 -0.83 -16.08
CA SER A 14 2.04 0.29 -16.68
C SER A 14 1.75 1.62 -15.96
N GLU A 15 0.59 1.73 -15.29
CA GLU A 15 0.20 2.97 -14.65
C GLU A 15 0.68 3.11 -13.21
N LEU A 16 1.31 2.10 -12.63
CA LEU A 16 1.82 2.22 -11.26
C LEU A 16 2.94 3.28 -11.16
N SER A 17 3.05 3.89 -9.99
CA SER A 17 4.08 4.89 -9.68
C SER A 17 5.49 4.37 -9.73
N ASN A 18 6.41 5.28 -10.07
CA ASN A 18 7.83 5.08 -9.83
CA ASN A 18 7.81 4.98 -9.84
C ASN A 18 8.02 4.82 -8.32
N SER A 19 8.98 3.96 -7.98
CA SER A 19 9.28 3.59 -6.55
C SER A 19 9.43 4.79 -5.60
N GLN A 20 10.14 5.84 -6.03
CA GLN A 20 10.44 7.02 -5.18
C GLN A 20 9.16 7.72 -4.76
N HIS A 21 8.15 7.74 -5.62
CA HIS A 21 6.89 8.46 -5.33
C HIS A 21 5.73 7.61 -4.91
N SER A 22 5.97 6.33 -4.65
CA SER A 22 4.88 5.43 -4.21
C SER A 22 4.41 5.73 -2.79
N VAL A 23 3.18 5.33 -2.50
CA VAL A 23 2.59 5.47 -1.20
C VAL A 23 3.46 4.77 -0.19
N GLN A 24 3.94 3.59 -0.55
CA GLN A 24 4.75 2.82 0.34
C GLN A 24 6.09 3.50 0.64
N THR A 25 6.72 4.10 -0.35
CA THR A 25 7.97 4.79 -0.09
C THR A 25 7.77 6.00 0.84
N LEU A 26 6.80 6.82 0.55
CA LEU A 26 6.43 7.89 1.45
C LEU A 26 6.17 7.39 2.87
N SER A 27 5.39 6.30 3.00
CA SER A 27 5.02 5.76 4.31
CA SER A 27 5.02 5.75 4.31
C SER A 27 6.25 5.38 5.13
N LEU A 28 7.27 4.82 4.47
CA LEU A 28 8.54 4.50 5.12
C LEU A 28 9.21 5.74 5.73
N TRP A 29 9.22 6.84 4.97
CA TRP A 29 9.90 8.05 5.41
C TRP A 29 9.13 8.63 6.57
N LEU A 30 7.80 8.55 6.55
CA LEU A 30 7.03 9.03 7.65
C LEU A 30 7.16 8.22 8.94
N ILE A 31 7.17 6.88 8.81
CA ILE A 31 7.32 6.01 9.97
C ILE A 31 8.72 6.29 10.56
N HIS A 32 9.67 6.51 9.70
CA HIS A 32 10.98 6.90 10.19
C HIS A 32 10.89 8.16 11.02
N HIS A 33 10.05 9.11 10.60
CA HIS A 33 9.94 10.38 11.27
C HIS A 33 8.78 10.42 12.21
N ARG A 34 8.45 9.26 12.80
CA ARG A 34 7.30 9.08 13.73
C ARG A 34 7.37 9.99 14.96
N LYS A 35 8.57 10.40 15.39
CA LYS A 35 8.69 11.46 16.42
C LYS A 35 8.03 12.83 16.03
N HIS A 36 7.77 13.03 14.73
CA HIS A 36 7.03 14.19 14.16
C HIS A 36 5.61 13.88 13.80
N ALA A 37 5.01 12.88 14.47
CA ALA A 37 3.72 12.36 14.02
C ALA A 37 2.57 13.37 14.09
N GLY A 38 2.48 14.12 15.17
CA GLY A 38 1.44 15.16 15.28
C GLY A 38 1.49 16.18 14.11
N PRO A 39 2.64 16.79 13.92
CA PRO A 39 2.79 17.73 12.76
C PRO A 39 2.59 17.07 11.39
N ILE A 40 3.05 15.84 11.22
CA ILE A 40 2.78 15.08 10.00
C ILE A 40 1.27 14.94 9.74
N VAL A 41 0.52 14.57 10.76
CA VAL A 41 -0.94 14.39 10.62
C VAL A 41 -1.65 15.71 10.35
N SER A 42 -1.21 16.78 11.01
CA SER A 42 -1.75 18.10 10.72
C SER A 42 -1.54 18.56 9.27
N VAL A 43 -0.33 18.37 8.74
CA VAL A 43 -0.05 18.67 7.35
C VAL A 43 -0.81 17.77 6.40
N TRP A 44 -0.81 16.48 6.68
CA TRP A 44 -1.55 15.51 5.88
C TRP A 44 -2.99 15.97 5.72
N HIS A 45 -3.59 16.38 6.82
CA HIS A 45 -5.00 16.71 6.87
C HIS A 45 -5.38 17.93 6.07
N ARG A 46 -4.55 18.97 6.18
CA ARG A 46 -4.71 20.22 5.45
C ARG A 46 -4.49 19.96 3.95
N GLU A 47 -3.44 19.20 3.61
CA GLU A 47 -3.13 18.92 2.21
C GLU A 47 -4.18 18.05 1.54
N LEU A 48 -4.78 17.15 2.31
CA LEU A 48 -5.93 16.37 1.82
C LEU A 48 -7.04 17.28 1.26
N ARG A 49 -7.39 18.32 2.01
CA ARG A 49 -8.47 19.17 1.60
C ARG A 49 -8.06 20.01 0.39
N LYS A 50 -6.77 20.30 0.26
CA LYS A 50 -6.29 21.05 -0.90
C LYS A 50 -6.17 20.15 -2.13
N ALA A 51 -6.08 18.83 -1.97
CA ALA A 51 -5.71 17.92 -3.07
C ALA A 51 -6.81 17.80 -4.12
N LYS A 52 -6.42 17.62 -5.35
CA LYS A 52 -7.39 17.39 -6.42
C LYS A 52 -8.16 16.12 -6.12
N SER A 53 -9.40 16.08 -6.58
CA SER A 53 -10.32 14.99 -6.29
C SER A 53 -9.78 13.61 -6.73
N ASN A 54 -8.97 13.57 -7.80
CA ASN A 54 -8.32 12.31 -8.20
C ASN A 54 -7.19 11.81 -7.30
N ARG A 55 -6.74 12.61 -6.32
CA ARG A 55 -5.67 12.17 -5.37
C ARG A 55 -6.20 11.95 -3.99
N LYS A 56 -7.41 12.43 -3.73
CA LYS A 56 -7.90 12.48 -2.32
C LYS A 56 -7.86 11.10 -1.67
N LEU A 57 -8.33 10.07 -2.37
CA LEU A 57 -8.34 8.71 -1.78
C LEU A 57 -6.93 8.24 -1.48
N THR A 58 -5.97 8.66 -2.29
CA THR A 58 -4.56 8.28 -2.06
C THR A 58 -4.06 8.68 -0.67
N PHE A 59 -4.61 9.75 -0.12
CA PHE A 59 -4.25 10.21 1.22
C PHE A 59 -4.63 9.17 2.28
N LEU A 60 -5.77 8.50 2.10
CA LEU A 60 -6.24 7.52 3.04
C LEU A 60 -5.48 6.25 2.81
N TYR A 61 -5.11 5.97 1.57
CA TYR A 61 -4.24 4.81 1.33
C TYR A 61 -2.89 4.98 2.04
N LEU A 62 -2.36 6.20 1.97
CA LEU A 62 -1.12 6.52 2.69
C LEU A 62 -1.30 6.33 4.20
N ALA A 63 -2.43 6.83 4.71
CA ALA A 63 -2.72 6.69 6.13
C ALA A 63 -2.81 5.21 6.51
N ASN A 64 -3.46 4.42 5.69
CA ASN A 64 -3.61 2.96 5.93
C ASN A 64 -2.24 2.30 6.11
N ASP A 65 -1.40 2.56 5.15
CA ASP A 65 -0.04 2.07 5.16
C ASP A 65 0.75 2.49 6.40
N VAL A 66 0.77 3.81 6.66
CA VAL A 66 1.47 4.36 7.82
C VAL A 66 0.94 3.78 9.12
N ILE A 67 -0.39 3.77 9.30
CA ILE A 67 -0.94 3.29 10.53
C ILE A 67 -0.61 1.81 10.76
N GLN A 68 -0.95 0.94 9.83
CA GLN A 68 -0.75 -0.48 10.02
C GLN A 68 0.75 -0.82 10.18
N ASN A 69 1.61 -0.21 9.37
CA ASN A 69 3.03 -0.58 9.45
C ASN A 69 3.83 0.14 10.56
N SER A 70 3.21 1.13 11.21
CA SER A 70 3.87 1.89 12.24
C SER A 70 3.75 1.13 13.54
N LYS A 71 2.74 0.26 13.67
CA LYS A 71 2.46 -0.42 14.94
C LYS A 71 3.67 -1.14 15.49
N ARG A 72 4.39 -1.82 14.60
CA ARG A 72 5.59 -2.58 14.97
C ARG A 72 6.75 -1.67 15.45
N LYS A 73 6.59 -0.38 15.22
CA LYS A 73 7.61 0.62 15.60
C LYS A 73 7.23 1.32 16.89
N GLY A 74 6.01 1.92 16.90
CA GLY A 74 5.43 2.53 18.09
C GLY A 74 4.02 3.08 17.89
N PRO A 75 3.41 3.62 18.97
CA PRO A 75 1.98 4.00 18.99
C PRO A 75 1.60 5.37 18.41
N GLU A 76 2.60 6.13 17.95
CA GLU A 76 2.43 7.53 17.61
C GLU A 76 1.38 7.73 16.52
N PHE A 77 1.49 7.00 15.41
CA PHE A 77 0.64 7.29 14.25
C PHE A 77 -0.78 6.84 14.47
N THR A 78 -0.95 5.73 15.18
CA THR A 78 -2.33 5.31 15.57
C THR A 78 -2.97 6.38 16.44
N ARG A 79 -2.21 6.82 17.44
CA ARG A 79 -2.69 7.86 18.34
C ARG A 79 -2.98 9.19 17.62
N GLU A 80 -2.06 9.69 16.79
CA GLU A 80 -2.24 11.04 16.20
C GLU A 80 -3.30 11.08 15.09
N PHE A 81 -3.44 10.00 14.31
CA PHE A 81 -4.37 9.99 13.18
C PHE A 81 -5.80 9.93 13.68
N GLU A 82 -5.98 9.46 14.93
CA GLU A 82 -7.33 9.21 15.40
C GLU A 82 -8.23 10.45 15.30
N SER A 83 -7.71 11.62 15.68
CA SER A 83 -8.52 12.85 15.74
C SER A 83 -8.90 13.49 14.39
N VAL A 84 -8.34 13.00 13.29
CA VAL A 84 -8.64 13.58 11.95
C VAL A 84 -9.40 12.63 11.00
N LEU A 85 -9.49 11.34 11.35
CA LEU A 85 -10.01 10.33 10.40
C LEU A 85 -11.50 10.41 10.16
N VAL A 86 -12.27 10.86 11.13
CA VAL A 86 -13.72 10.97 10.88
C VAL A 86 -13.96 12.00 9.77
N ASP A 87 -13.30 13.14 9.91
CA ASP A 87 -13.40 14.21 8.95
C ASP A 87 -12.84 13.79 7.58
N ALA A 88 -11.65 13.16 7.58
CA ALA A 88 -11.03 12.67 6.38
C ALA A 88 -11.93 11.74 5.60
N PHE A 89 -12.48 10.74 6.29
CA PHE A 89 -13.35 9.78 5.65
C PHE A 89 -14.58 10.48 5.08
N SER A 90 -15.14 11.40 5.83
CA SER A 90 -16.32 12.12 5.35
C SER A 90 -15.97 12.88 4.07
N HIS A 91 -14.82 13.56 4.10
CA HIS A 91 -14.37 14.44 3.01
C HIS A 91 -14.09 13.68 1.72
N VAL A 92 -13.34 12.58 1.86
CA VAL A 92 -13.02 11.75 0.75
C VAL A 92 -14.29 11.22 0.13
N ALA A 93 -15.19 10.67 0.94
CA ALA A 93 -16.39 10.04 0.41
C ALA A 93 -17.23 11.07 -0.30
N ARG A 94 -17.31 12.28 0.27
CA ARG A 94 -18.07 13.37 -0.35
C ARG A 94 -17.34 13.99 -1.57
N GLU A 95 -16.03 14.21 -1.48
CA GLU A 95 -15.34 15.04 -2.48
C GLU A 95 -14.37 14.32 -3.46
N ALA A 96 -13.95 13.11 -3.17
CA ALA A 96 -13.07 12.43 -4.07
C ALA A 96 -13.80 11.86 -5.27
N ASP A 97 -12.99 11.46 -6.24
CA ASP A 97 -13.50 10.87 -7.48
C ASP A 97 -14.29 9.62 -7.16
N GLU A 98 -15.21 9.26 -8.06
CA GLU A 98 -16.06 8.07 -7.94
C GLU A 98 -15.32 6.76 -7.64
N GLY A 99 -15.97 5.83 -6.94
CA GLY A 99 -15.38 4.53 -6.63
C GLY A 99 -14.47 4.44 -5.40
N CYS A 100 -14.61 5.39 -4.48
CA CYS A 100 -13.91 5.28 -3.22
C CYS A 100 -14.64 4.42 -2.19
N LYS A 101 -15.95 4.20 -2.37
CA LYS A 101 -16.77 3.55 -1.35
C LYS A 101 -16.31 2.14 -1.02
N LYS A 102 -16.19 1.27 -2.03
CA LYS A 102 -15.76 -0.11 -1.80
C LYS A 102 -14.34 -0.14 -1.28
N PRO A 103 -13.48 0.72 -1.82
CA PRO A 103 -12.13 0.70 -1.24
C PRO A 103 -12.15 1.05 0.26
N LEU A 104 -12.94 2.06 0.61
CA LEU A 104 -12.99 2.55 1.97
C LEU A 104 -13.71 1.60 2.93
N GLU A 105 -14.77 0.98 2.45
CA GLU A 105 -15.46 -0.08 3.22
C GLU A 105 -14.49 -1.24 3.55
N ARG A 106 -13.85 -1.76 2.50
CA ARG A 106 -12.91 -2.88 2.60
C ARG A 106 -11.81 -2.59 3.62
N LEU A 107 -11.28 -1.37 3.52
CA LEU A 107 -10.18 -0.91 4.35
C LEU A 107 -10.62 -0.90 5.80
N LEU A 108 -11.86 -0.50 6.05
CA LEU A 108 -12.35 -0.47 7.40
C LEU A 108 -12.59 -1.86 7.94
N ASN A 109 -13.14 -2.76 7.11
CA ASN A 109 -13.34 -4.16 7.52
C ASN A 109 -12.00 -4.82 7.88
N ILE A 110 -10.95 -4.50 7.15
CA ILE A 110 -9.61 -4.98 7.46
C ILE A 110 -9.08 -4.38 8.76
N TRP A 111 -9.27 -3.06 8.94
CA TRP A 111 -8.92 -2.38 10.21
C TRP A 111 -9.53 -3.05 11.39
N GLN A 112 -10.81 -3.36 11.27
CA GLN A 112 -11.52 -4.01 12.31
C GLN A 112 -10.97 -5.39 12.60
N GLU A 113 -10.80 -6.18 11.55
CA GLU A 113 -10.32 -7.56 11.69
C GLU A 113 -8.94 -7.59 12.30
N ARG A 114 -8.11 -6.60 12.00
CA ARG A 114 -6.75 -6.54 12.53
C ARG A 114 -6.64 -5.63 13.74
N SER A 115 -7.77 -5.22 14.32
CA SER A 115 -7.72 -4.36 15.54
C SER A 115 -6.82 -3.10 15.41
N VAL A 116 -6.86 -2.47 14.25
CA VAL A 116 -6.09 -1.25 14.01
C VAL A 116 -6.62 -0.15 14.96
N TYR A 117 -7.93 -0.09 15.08
CA TYR A 117 -8.65 0.71 16.07
C TYR A 117 -9.78 -0.15 16.60
N GLY A 118 -10.43 0.32 17.66
CA GLY A 118 -11.58 -0.38 18.23
C GLY A 118 -12.79 -0.35 17.32
N GLY A 119 -13.65 -1.35 17.46
CA GLY A 119 -14.87 -1.49 16.63
C GLY A 119 -15.83 -0.33 16.75
N GLU A 120 -15.85 0.26 17.93
CA GLU A 120 -16.58 1.51 18.18
CA GLU A 120 -16.50 1.53 18.22
C GLU A 120 -16.16 2.62 17.18
N PHE A 121 -14.89 3.05 17.22
CA PHE A 121 -14.37 4.07 16.33
C PHE A 121 -14.49 3.66 14.85
N ILE A 122 -14.34 2.37 14.55
CA ILE A 122 -14.52 1.88 13.18
C ILE A 122 -15.98 2.14 12.71
N GLN A 123 -16.94 2.10 13.62
CA GLN A 123 -18.34 2.33 13.25
C GLN A 123 -18.61 3.83 12.93
N GLN A 124 -17.94 4.74 13.65
CA GLN A 124 -18.07 6.21 13.38
C GLN A 124 -17.53 6.52 11.99
N LEU A 125 -16.42 5.89 11.65
CA LEU A 125 -15.83 6.03 10.31
C LEU A 125 -16.79 5.55 9.23
N LYS A 126 -17.39 4.37 9.44
CA LYS A 126 -18.40 3.84 8.51
C LYS A 126 -19.49 4.87 8.38
N LEU A 127 -20.08 5.24 9.52
CA LEU A 127 -21.17 6.22 9.54
C LEU A 127 -20.74 7.54 8.84
N SER A 128 -19.49 7.98 9.00
CA SER A 128 -19.13 9.30 8.48
C SER A 128 -19.20 9.32 6.93
N MET A 129 -19.15 8.15 6.32
CA MET A 129 -19.37 8.03 4.88
C MET A 129 -20.86 7.96 4.55
N GLU A 130 -21.67 7.35 5.42
CA GLU A 130 -23.12 7.17 5.19
C GLU A 130 -23.75 8.38 4.51
N ASP A 131 -23.87 9.50 5.23
CA ASP A 131 -24.36 10.77 4.63
C ASP A 131 -23.26 11.42 3.77
N SER B 3 16.18 15.07 6.71
CA SER B 3 15.51 15.52 7.94
C SER B 3 14.09 15.78 7.51
N PHE B 4 13.21 15.83 8.49
CA PHE B 4 11.83 16.15 8.28
C PHE B 4 11.63 17.70 8.23
N SER B 5 10.76 18.12 7.34
CA SER B 5 10.17 19.46 7.35
C SER B 5 8.76 19.35 6.80
N GLU B 6 7.89 20.24 7.25
CA GLU B 6 6.51 20.28 6.71
C GLU B 6 6.51 20.60 5.22
N SER B 7 7.39 21.50 4.76
CA SER B 7 7.47 21.79 3.32
C SER B 7 7.88 20.58 2.45
N ALA B 8 8.86 19.80 2.89
CA ALA B 8 9.21 18.56 2.18
C ALA B 8 8.02 17.59 2.15
N LEU B 9 7.33 17.47 3.26
CA LEU B 9 6.13 16.65 3.28
C LEU B 9 5.11 17.13 2.26
N GLU B 10 4.86 18.43 2.25
CA GLU B 10 3.93 19.04 1.29
C GLU B 10 4.25 18.67 -0.15
N LYS B 11 5.53 18.76 -0.52
CA LYS B 11 5.92 18.40 -1.88
C LYS B 11 5.69 16.91 -2.12
N LYS B 12 6.05 16.06 -1.15
CA LYS B 12 5.88 14.61 -1.33
C LYS B 12 4.42 14.23 -1.48
N LEU B 13 3.54 14.84 -0.68
CA LEU B 13 2.11 14.61 -0.81
C LEU B 13 1.54 15.06 -2.14
N SER B 14 2.06 16.15 -2.69
CA SER B 14 1.62 16.60 -4.01
C SER B 14 2.10 15.66 -5.10
N GLU B 15 3.06 14.78 -4.78
CA GLU B 15 3.57 13.80 -5.77
C GLU B 15 2.90 12.40 -5.66
N LEU B 16 1.97 12.24 -4.73
CA LEU B 16 1.15 11.02 -4.69
C LEU B 16 0.45 10.81 -6.04
N SER B 17 0.30 9.54 -6.41
CA SER B 17 -0.41 9.10 -7.62
C SER B 17 -1.93 9.32 -7.54
N ASN B 18 -2.56 9.32 -8.72
CA ASN B 18 -3.99 9.19 -8.88
C ASN B 18 -4.45 7.94 -8.20
N SER B 19 -5.49 8.04 -7.40
CA SER B 19 -5.95 6.91 -6.58
C SER B 19 -6.44 5.74 -7.48
N GLN B 20 -6.98 6.08 -8.64
CA GLN B 20 -7.35 5.07 -9.60
C GLN B 20 -6.15 4.20 -10.08
N HIS B 21 -4.92 4.69 -9.96
CA HIS B 21 -3.76 3.89 -10.44
C HIS B 21 -2.89 3.36 -9.32
N SER B 22 -3.26 3.66 -8.08
CA SER B 22 -2.43 3.33 -6.93
CA SER B 22 -2.47 3.33 -6.90
C SER B 22 -2.40 1.81 -6.69
N VAL B 23 -1.30 1.38 -6.09
CA VAL B 23 -1.12 0.00 -5.66
C VAL B 23 -2.41 -0.55 -4.95
N GLN B 24 -2.93 0.21 -3.97
CA GLN B 24 -4.04 -0.29 -3.17
C GLN B 24 -5.33 -0.45 -3.98
N THR B 25 -5.52 0.36 -5.05
CA THR B 25 -6.66 0.14 -5.97
C THR B 25 -6.44 -1.10 -6.86
N LEU B 26 -5.27 -1.19 -7.46
CA LEU B 26 -5.00 -2.33 -8.33
C LEU B 26 -5.13 -3.64 -7.55
N SER B 27 -4.76 -3.58 -6.28
CA SER B 27 -4.80 -4.75 -5.39
C SER B 27 -6.23 -5.25 -5.18
N LEU B 28 -7.13 -4.34 -4.91
CA LEU B 28 -8.56 -4.67 -4.78
C LEU B 28 -9.04 -5.43 -6.03
N TRP B 29 -8.69 -4.90 -7.19
CA TRP B 29 -9.05 -5.46 -8.49
C TRP B 29 -8.50 -6.84 -8.68
N LEU B 30 -7.21 -7.01 -8.39
CA LEU B 30 -6.61 -8.32 -8.50
C LEU B 30 -7.24 -9.35 -7.53
N ILE B 31 -7.50 -8.93 -6.29
CA ILE B 31 -8.11 -9.83 -5.31
C ILE B 31 -9.51 -10.24 -5.77
N HIS B 32 -10.26 -9.29 -6.31
CA HIS B 32 -11.59 -9.53 -6.78
C HIS B 32 -11.57 -10.54 -7.89
N HIS B 33 -10.50 -10.50 -8.69
CA HIS B 33 -10.31 -11.46 -9.76
C HIS B 33 -9.39 -12.61 -9.39
N ARG B 34 -9.37 -13.00 -8.11
CA ARG B 34 -8.47 -14.09 -7.64
C ARG B 34 -8.65 -15.43 -8.34
N LYS B 35 -9.83 -15.68 -8.89
CA LYS B 35 -10.04 -16.92 -9.68
C LYS B 35 -9.09 -16.93 -10.91
N HIS B 36 -8.33 -15.85 -11.12
CA HIS B 36 -7.36 -15.77 -12.23
C HIS B 36 -5.93 -15.58 -11.75
N ALA B 37 -5.63 -15.99 -10.52
CA ALA B 37 -4.33 -15.64 -9.90
C ALA B 37 -3.15 -16.14 -10.72
N GLY B 38 -3.32 -17.25 -11.42
CA GLY B 38 -2.21 -17.89 -12.11
C GLY B 38 -1.72 -17.01 -13.25
N PRO B 39 -2.63 -16.73 -14.20
CA PRO B 39 -2.36 -15.77 -15.27
C PRO B 39 -1.94 -14.39 -14.77
N ILE B 40 -2.55 -13.92 -13.68
CA ILE B 40 -2.20 -12.62 -13.11
C ILE B 40 -0.72 -12.54 -12.73
N VAL B 41 -0.25 -13.56 -12.05
CA VAL B 41 1.14 -13.59 -11.59
C VAL B 41 2.11 -13.68 -12.79
N SER B 42 1.74 -14.44 -13.83
CA SER B 42 2.57 -14.54 -15.04
C SER B 42 2.75 -13.21 -15.71
N VAL B 43 1.66 -12.49 -15.87
CA VAL B 43 1.70 -11.17 -16.47
C VAL B 43 2.54 -10.25 -15.56
N TRP B 44 2.27 -10.30 -14.24
CA TRP B 44 2.99 -9.48 -13.30
C TRP B 44 4.47 -9.70 -13.45
N HIS B 45 4.87 -10.97 -13.48
CA HIS B 45 6.26 -11.36 -13.57
C HIS B 45 6.95 -10.89 -14.85
N ARG B 46 6.28 -11.06 -15.99
CA ARG B 46 6.84 -10.62 -17.28
C ARG B 46 6.97 -9.11 -17.34
N GLU B 47 5.96 -8.40 -16.86
CA GLU B 47 6.00 -6.92 -16.86
C GLU B 47 7.07 -6.39 -15.89
N LEU B 48 7.15 -6.97 -14.71
CA LEU B 48 8.30 -6.65 -13.81
C LEU B 48 9.65 -6.71 -14.57
N ARG B 49 9.83 -7.74 -15.39
CA ARG B 49 11.11 -7.95 -16.07
C ARG B 49 11.37 -6.96 -17.19
N LYS B 50 10.33 -6.24 -17.59
CA LYS B 50 10.42 -5.19 -18.65
C LYS B 50 10.30 -3.76 -18.09
N ALA B 51 10.08 -3.66 -16.79
CA ALA B 51 9.80 -2.39 -16.19
C ALA B 51 11.11 -1.61 -15.98
N LYS B 52 11.02 -0.30 -16.16
CA LYS B 52 12.09 0.59 -15.79
C LYS B 52 12.62 0.32 -14.36
N SER B 53 13.93 0.43 -14.19
CA SER B 53 14.58 0.30 -12.89
C SER B 53 14.00 1.17 -11.78
N ASN B 54 13.40 2.29 -12.15
CA ASN B 54 12.76 3.15 -11.15
C ASN B 54 11.32 2.77 -10.83
N ARG B 55 10.80 1.70 -11.47
CA ARG B 55 9.45 1.24 -11.17
C ARG B 55 9.41 -0.20 -10.67
N LYS B 56 10.52 -0.96 -10.77
CA LYS B 56 10.52 -2.41 -10.44
C LYS B 56 10.10 -2.67 -9.00
N LEU B 57 10.58 -1.85 -8.07
CA LEU B 57 10.25 -2.03 -6.66
C LEU B 57 8.74 -1.92 -6.41
N THR B 58 8.09 -1.02 -7.15
CA THR B 58 6.65 -0.81 -6.98
C THR B 58 5.91 -2.13 -7.26
N PHE B 59 6.46 -2.97 -8.15
CA PHE B 59 5.86 -4.31 -8.43
C PHE B 59 5.82 -5.19 -7.18
N LEU B 60 6.88 -5.13 -6.38
CA LEU B 60 6.93 -5.88 -5.18
C LEU B 60 6.04 -5.27 -4.07
N TYR B 61 5.89 -3.94 -4.06
CA TYR B 61 4.93 -3.29 -3.21
C TYR B 61 3.51 -3.73 -3.56
N LEU B 62 3.20 -3.91 -4.84
CA LEU B 62 1.91 -4.45 -5.24
C LEU B 62 1.75 -5.92 -4.77
N ALA B 63 2.77 -6.74 -5.04
CA ALA B 63 2.74 -8.14 -4.60
C ALA B 63 2.52 -8.20 -3.09
N ASN B 64 3.15 -7.28 -2.37
CA ASN B 64 2.97 -7.23 -0.95
C ASN B 64 1.50 -6.99 -0.54
N ASP B 65 0.90 -5.93 -1.09
CA ASP B 65 -0.50 -5.62 -0.77
C ASP B 65 -1.48 -6.75 -1.15
N VAL B 66 -1.27 -7.33 -2.34
CA VAL B 66 -2.14 -8.38 -2.85
C VAL B 66 -2.08 -9.63 -1.96
N ILE B 67 -0.87 -10.07 -1.66
CA ILE B 67 -0.69 -11.28 -0.91
C ILE B 67 -1.25 -11.12 0.51
N GLN B 68 -0.87 -10.06 1.22
CA GLN B 68 -1.36 -9.88 2.59
C GLN B 68 -2.84 -9.84 2.64
N ASN B 69 -3.42 -8.98 1.82
CA ASN B 69 -4.87 -8.79 1.86
C ASN B 69 -5.71 -9.87 1.19
N SER B 70 -5.09 -10.73 0.39
CA SER B 70 -5.78 -11.87 -0.20
C SER B 70 -6.00 -13.03 0.77
N LYS B 71 -5.17 -13.14 1.81
CA LYS B 71 -5.23 -14.25 2.76
C LYS B 71 -6.67 -14.45 3.24
N ARG B 72 -7.30 -13.38 3.72
CA ARG B 72 -8.71 -13.42 4.18
C ARG B 72 -9.75 -13.87 3.12
N LYS B 73 -9.34 -13.95 1.85
CA LYS B 73 -10.26 -14.39 0.79
C LYS B 73 -9.98 -15.80 0.31
N GLY B 74 -8.72 -16.18 0.27
CA GLY B 74 -8.32 -17.48 -0.24
C GLY B 74 -6.82 -17.56 -0.38
N PRO B 75 -6.31 -18.76 -0.71
CA PRO B 75 -4.87 -18.99 -0.78
C PRO B 75 -4.27 -18.87 -2.18
N GLU B 76 -5.06 -18.49 -3.19
CA GLU B 76 -4.60 -18.48 -4.57
C GLU B 76 -3.35 -17.63 -4.73
N PHE B 77 -3.42 -16.38 -4.29
CA PHE B 77 -2.29 -15.47 -4.49
C PHE B 77 -1.06 -15.88 -3.70
N THR B 78 -1.25 -16.42 -2.51
CA THR B 78 -0.10 -16.94 -1.74
C THR B 78 0.59 -18.09 -2.46
N ARG B 79 -0.20 -19.03 -2.98
CA ARG B 79 0.33 -20.17 -3.70
C ARG B 79 1.03 -19.71 -5.01
N GLU B 80 0.31 -18.96 -5.84
CA GLU B 80 0.82 -18.58 -7.17
C GLU B 80 2.04 -17.68 -7.13
N PHE B 81 2.06 -16.71 -6.21
CA PHE B 81 3.21 -15.83 -6.11
C PHE B 81 4.42 -16.60 -5.62
N GLU B 82 4.17 -17.67 -4.89
CA GLU B 82 5.26 -18.41 -4.31
C GLU B 82 6.27 -18.91 -5.35
N SER B 83 5.77 -19.43 -6.45
CA SER B 83 6.65 -19.96 -7.50
C SER B 83 7.49 -18.91 -8.24
N VAL B 84 7.23 -17.60 -8.06
CA VAL B 84 7.99 -16.54 -8.80
C VAL B 84 8.82 -15.56 -7.94
N LEU B 85 8.56 -15.54 -6.64
CA LEU B 85 9.15 -14.52 -5.77
C LEU B 85 10.65 -14.64 -5.59
N VAL B 86 11.22 -15.82 -5.72
CA VAL B 86 12.70 -15.95 -5.66
C VAL B 86 13.38 -15.24 -6.85
N ASP B 87 12.91 -15.50 -8.06
CA ASP B 87 13.43 -14.73 -9.19
C ASP B 87 13.04 -13.25 -9.10
N ALA B 88 11.83 -12.96 -8.64
CA ALA B 88 11.40 -11.60 -8.51
C ALA B 88 12.29 -10.82 -7.58
N PHE B 89 12.59 -11.36 -6.39
CA PHE B 89 13.48 -10.62 -5.46
C PHE B 89 14.90 -10.50 -5.99
N SER B 90 15.40 -11.58 -6.58
CA SER B 90 16.75 -11.56 -7.15
C SER B 90 16.80 -10.53 -8.28
N HIS B 91 15.78 -10.53 -9.14
CA HIS B 91 15.73 -9.60 -10.24
C HIS B 91 15.68 -8.14 -9.80
N VAL B 92 14.85 -7.84 -8.80
CA VAL B 92 14.70 -6.44 -8.35
C VAL B 92 15.97 -5.94 -7.63
N ALA B 93 16.54 -6.79 -6.77
CA ALA B 93 17.80 -6.47 -6.11
C ALA B 93 18.95 -6.23 -7.14
N ARG B 94 19.03 -7.07 -8.17
CA ARG B 94 20.07 -6.95 -9.19
C ARG B 94 19.81 -5.75 -10.10
N GLU B 95 18.56 -5.55 -10.53
CA GLU B 95 18.27 -4.68 -11.69
C GLU B 95 17.49 -3.43 -11.37
N ALA B 96 17.08 -3.19 -10.13
CA ALA B 96 16.35 -1.92 -9.80
C ALA B 96 17.30 -0.87 -9.30
N ASP B 97 16.82 0.36 -9.26
CA ASP B 97 17.62 1.47 -8.76
C ASP B 97 18.18 1.16 -7.36
N GLU B 98 19.39 1.66 -7.12
CA GLU B 98 20.12 1.42 -5.86
C GLU B 98 19.25 1.81 -4.68
N GLY B 99 19.45 1.14 -3.54
CA GLY B 99 18.70 1.44 -2.31
C GLY B 99 17.33 0.78 -2.24
N CYS B 100 17.15 -0.31 -2.98
CA CYS B 100 15.97 -1.11 -2.80
C CYS B 100 16.19 -2.19 -1.72
N LYS B 101 17.44 -2.47 -1.35
CA LYS B 101 17.74 -3.59 -0.46
C LYS B 101 17.10 -3.40 0.93
N LYS B 102 17.21 -2.18 1.50
CA LYS B 102 16.64 -1.88 2.84
C LYS B 102 15.14 -2.01 2.84
N PRO B 103 14.44 -1.36 1.87
CA PRO B 103 12.98 -1.52 1.75
C PRO B 103 12.47 -3.00 1.55
N LEU B 104 13.23 -3.77 0.78
CA LEU B 104 12.89 -5.19 0.53
C LEU B 104 13.13 -6.03 1.79
N GLU B 105 14.26 -5.81 2.44
CA GLU B 105 14.55 -6.47 3.70
C GLU B 105 13.42 -6.23 4.72
N ARG B 106 12.95 -5.00 4.84
CA ARG B 106 11.84 -4.69 5.72
C ARG B 106 10.55 -5.39 5.33
N LEU B 107 10.26 -5.37 4.04
CA LEU B 107 9.13 -6.04 3.48
C LEU B 107 9.14 -7.53 3.90
N LEU B 108 10.31 -8.16 3.77
CA LEU B 108 10.45 -9.58 4.16
C LEU B 108 10.27 -9.79 5.65
N ASN B 109 10.77 -8.86 6.48
CA ASN B 109 10.52 -8.90 7.91
C ASN B 109 9.04 -8.88 8.30
N ILE B 110 8.29 -8.01 7.65
CA ILE B 110 6.86 -7.89 7.88
C ILE B 110 6.12 -9.21 7.50
N TRP B 111 6.53 -9.82 6.39
CA TRP B 111 5.99 -11.07 5.92
C TRP B 111 6.21 -12.17 6.92
N GLN B 112 7.44 -12.19 7.47
CA GLN B 112 7.83 -13.12 8.50
C GLN B 112 7.01 -12.86 9.76
N GLU B 113 6.91 -11.61 10.16
CA GLU B 113 6.16 -11.26 11.38
C GLU B 113 4.67 -11.60 11.34
N ARG B 114 4.09 -11.46 10.16
CA ARG B 114 2.68 -11.67 10.00
C ARG B 114 2.37 -13.02 9.39
N SER B 115 3.35 -13.94 9.41
CA SER B 115 3.27 -15.26 8.79
C SER B 115 2.71 -15.30 7.37
N VAL B 116 3.13 -14.36 6.52
CA VAL B 116 2.70 -14.33 5.17
C VAL B 116 3.31 -15.55 4.48
N TYR B 117 4.58 -15.85 4.80
CA TYR B 117 5.23 -17.12 4.39
C TYR B 117 6.08 -17.64 5.57
N GLY B 118 6.50 -18.90 5.50
CA GLY B 118 7.34 -19.49 6.54
C GLY B 118 8.74 -18.87 6.59
N GLY B 119 9.41 -19.06 7.71
CA GLY B 119 10.76 -18.54 7.92
C GLY B 119 11.77 -19.08 6.92
N GLU B 120 11.61 -20.35 6.54
CA GLU B 120 12.51 -21.01 5.64
C GLU B 120 12.44 -20.28 4.29
N PHE B 121 11.24 -20.00 3.84
CA PHE B 121 11.05 -19.37 2.53
C PHE B 121 11.46 -17.90 2.54
N ILE B 122 11.13 -17.17 3.60
CA ILE B 122 11.65 -15.83 3.81
C ILE B 122 13.19 -15.78 3.78
N GLN B 123 13.86 -16.75 4.39
CA GLN B 123 15.32 -16.83 4.34
C GLN B 123 15.82 -17.04 2.91
N GLN B 124 15.12 -17.85 2.12
CA GLN B 124 15.48 -18.05 0.71
C GLN B 124 15.29 -16.73 -0.07
N LEU B 125 14.25 -15.98 0.24
CA LEU B 125 14.05 -14.68 -0.44
C LEU B 125 15.15 -13.66 -0.07
N LYS B 126 15.46 -13.55 1.23
CA LYS B 126 16.63 -12.77 1.70
C LYS B 126 17.93 -13.20 1.01
N LEU B 127 18.17 -14.50 0.91
CA LEU B 127 19.37 -15.03 0.23
C LEU B 127 19.40 -14.69 -1.29
N SER B 128 18.24 -14.60 -1.92
CA SER B 128 18.19 -14.37 -3.36
C SER B 128 18.71 -12.96 -3.72
N MET B 129 18.66 -12.03 -2.78
CA MET B 129 19.19 -10.68 -3.01
C MET B 129 20.72 -10.53 -2.88
N GLU B 130 21.35 -11.21 -1.90
CA GLU B 130 22.83 -11.26 -1.78
C GLU B 130 23.39 -12.35 -2.68
S SO4 C . 12.86 3.31 11.26
O1 SO4 C . 13.38 1.98 11.52
O2 SO4 C . 12.72 3.98 12.55
O3 SO4 C . 13.88 4.03 10.50
O4 SO4 C . 11.55 3.29 10.67
S SO4 D . 13.06 -3.25 9.92
O1 SO4 D . 14.19 -3.48 10.80
O2 SO4 D . 12.04 -2.50 10.66
O3 SO4 D . 13.47 -2.59 8.66
O4 SO4 D . 12.38 -4.53 9.56
S SO4 E . -15.17 -7.53 2.69
O1 SO4 E . -14.74 -7.23 4.07
O2 SO4 E . -15.03 -6.27 1.90
O3 SO4 E . -14.34 -8.66 2.20
O4 SO4 E . -16.60 -7.91 2.72
UNK UNX F . 0.74 -2.42 4.00
UNK UNX G . 12.82 12.08 13.06
UNK UNX H . -18.33 4.87 -5.10
UNK UNX I . -14.04 -12.08 -15.09
UNK UNX J . -4.83 -3.21 4.27
UNK UNX K . 0.79 19.14 15.71
S SO4 L . -14.37 -9.70 -3.47
O1 SO4 L . -12.90 -9.79 -3.36
O2 SO4 L . -15.03 -9.20 -2.23
O3 SO4 L . -14.67 -8.77 -4.57
O4 SO4 L . -14.87 -11.07 -3.70
S SO4 M . 1.24 4.01 -5.39
O1 SO4 M . 2.28 3.71 -4.40
O2 SO4 M . 1.22 5.47 -5.68
O3 SO4 M . 1.67 3.23 -6.57
O4 SO4 M . -0.09 3.64 -4.88
S SO4 N . 11.63 8.90 -15.83
O1 SO4 N . 12.23 7.54 -15.77
O2 SO4 N . 12.45 9.87 -15.05
O3 SO4 N . 11.57 9.36 -17.24
O4 SO4 N . 10.27 8.83 -15.27
UNK UNX O . 17.37 -11.05 -15.59
UNK UNX P . 14.31 15.50 11.08
UNK UNX Q . 13.47 11.63 1.18
UNK UNX R . -6.09 -15.33 -3.07
#